data_2W2H
#
_entry.id   2W2H
#
_cell.length_a   149.460
_cell.length_b   149.460
_cell.length_c   129.750
_cell.angle_alpha   90.00
_cell.angle_beta   90.00
_cell.angle_gamma   90.00
#
_symmetry.space_group_name_H-M   'I 4'
#
loop_
_entity.id
_entity.type
_entity.pdbx_description
1 polymer CYCLIN-T1
2 polymer 'PROTEIN TAT'
3 polymer "5'-R(*GP*CP*UP*CP*AP*GP*AP*UP*CP*UP *GP*CP*GP*GP*UP*CP*UP*GP*AP*GP*C)-3'"
4 non-polymer 'MANGANESE (II) ION'
5 water water
#
loop_
_entity_poly.entity_id
_entity_poly.type
_entity_poly.pdbx_seq_one_letter_code
_entity_poly.pdbx_strand_id
1 'polypeptide(L)'
;QRKNNNKRWYFTREQLENSPSRRFGLDPDKELSYRQQAANLLQDMGQRLNVSQLTINTAIVYMHRFYMIQSFTRFHRNSV
APAALFLAAKVEEQPKKLEHVIKVAHTCLHPQESLPDTRSEAYLQQVQDLVILESIILQTLGFELTIDHPHTHVVKCTQL
VRASKDLAQTSYFMATNSLHLTTFSLQYTPPVVACVCIHLACKWSNWEIPVSTDGKHWWEYVDATVTLELLDELTHEFLQ
ILEKTPNRLKRIWNWRACQAAKKT
;
A,B
2 'polypeptide(L)' IDYLDASLRKKNKQRLKAIQQGRQPQYLL C,D
3 'polyribonucleotide' GCUCAGAUUCUGCGGUCUGAGC R,S
#
loop_
_chem_comp.id
_chem_comp.type
_chem_comp.name
_chem_comp.formula
A RNA linking ADENOSINE-5'-MONOPHOSPHATE 'C10 H14 N5 O7 P'
C RNA linking CYTIDINE-5'-MONOPHOSPHATE 'C9 H14 N3 O8 P'
G RNA linking GUANOSINE-5'-MONOPHOSPHATE 'C10 H14 N5 O8 P'
MN non-polymer 'MANGANESE (II) ION' 'Mn 2'
U RNA linking URIDINE-5'-MONOPHOSPHATE 'C9 H13 N2 O9 P'
#
# COMPACT_ATOMS: atom_id res chain seq x y z
N ARG A 2 -2.77 -39.66 18.69
CA ARG A 2 -1.80 -40.76 19.11
C ARG A 2 -0.38 -40.29 19.58
N LYS A 3 0.60 -40.59 18.73
CA LYS A 3 1.98 -40.21 18.95
C LYS A 3 2.52 -39.16 17.92
N ASN A 4 1.78 -38.08 17.68
CA ASN A 4 0.35 -37.99 18.02
C ASN A 4 -0.47 -38.00 16.75
N ASN A 5 -1.79 -38.01 16.90
CA ASN A 5 -2.63 -37.90 15.73
C ASN A 5 -2.52 -36.47 15.17
N ASN A 6 -2.43 -35.52 16.10
CA ASN A 6 -2.50 -34.13 15.76
C ASN A 6 -1.28 -33.38 16.26
N LYS A 7 -0.86 -33.61 17.50
CA LYS A 7 0.15 -32.70 18.05
C LYS A 7 1.38 -32.75 17.18
N ARG A 8 1.34 -33.64 16.19
CA ARG A 8 2.51 -33.91 15.40
C ARG A 8 3.06 -32.68 14.70
N TRP A 9 2.30 -32.10 13.78
CA TRP A 9 2.91 -31.10 12.91
C TRP A 9 2.44 -29.67 13.13
N TYR A 10 2.24 -29.30 14.40
CA TYR A 10 1.79 -27.96 14.77
C TYR A 10 2.56 -27.41 15.99
N PHE A 11 2.88 -26.11 15.94
CA PHE A 11 3.81 -25.51 16.90
C PHE A 11 3.41 -24.11 17.43
N THR A 12 3.95 -23.74 18.59
CA THR A 12 3.72 -22.44 19.24
C THR A 12 4.71 -21.40 18.76
N ARG A 13 4.31 -20.14 18.76
CA ARG A 13 5.20 -19.07 18.34
C ARG A 13 6.49 -19.11 19.14
N GLU A 14 6.45 -19.77 20.29
CA GLU A 14 7.62 -19.90 21.14
C GLU A 14 8.43 -21.11 20.71
N GLN A 15 7.92 -21.83 19.70
CA GLN A 15 8.62 -23.00 19.17
C GLN A 15 9.36 -22.68 17.88
N LEU A 16 8.70 -21.97 16.98
CA LEU A 16 9.35 -21.57 15.73
C LEU A 16 10.43 -20.57 16.03
N GLU A 17 10.49 -20.12 17.26
CA GLU A 17 11.62 -19.29 17.64
C GLU A 17 12.78 -20.21 17.97
N ASN A 18 12.50 -21.28 18.72
CA ASN A 18 13.41 -22.42 18.82
C ASN A 18 13.35 -23.30 17.58
N SER A 19 13.58 -22.66 16.43
CA SER A 19 13.70 -23.35 15.15
C SER A 19 14.94 -24.20 15.28
N PRO A 20 15.09 -25.21 14.42
CA PRO A 20 16.33 -25.97 14.53
C PRO A 20 17.34 -25.31 13.65
N SER A 21 16.87 -24.55 12.66
CA SER A 21 17.75 -23.68 11.90
C SER A 21 18.11 -22.48 12.75
N ARG A 22 17.57 -22.45 13.96
CA ARG A 22 17.78 -21.32 14.88
C ARG A 22 18.96 -21.63 15.78
N ARG A 23 19.12 -22.89 16.16
CA ARG A 23 20.29 -23.33 16.90
C ARG A 23 21.55 -23.23 16.04
N PHE A 24 21.46 -22.48 14.94
CA PHE A 24 22.61 -22.19 14.09
C PHE A 24 22.71 -20.72 13.82
N GLY A 25 23.89 -20.35 13.35
CA GLY A 25 24.29 -18.97 13.23
C GLY A 25 23.67 -18.19 12.09
N LEU A 26 22.34 -18.14 12.02
CA LEU A 26 21.68 -17.11 11.22
C LEU A 26 20.22 -16.82 11.52
N ASP A 27 19.86 -15.59 11.14
CA ASP A 27 18.65 -14.86 11.55
C ASP A 27 17.31 -15.51 11.34
N PRO A 28 16.30 -14.98 12.03
CA PRO A 28 14.87 -15.12 11.77
C PRO A 28 14.47 -14.28 10.56
N ASP A 29 14.77 -12.99 10.60
CA ASP A 29 14.53 -12.14 9.44
C ASP A 29 15.01 -12.82 8.16
N LYS A 30 16.09 -13.60 8.26
CA LYS A 30 16.64 -14.35 7.13
C LYS A 30 15.83 -15.60 6.80
N GLU A 31 15.63 -16.44 7.81
CA GLU A 31 14.85 -17.68 7.68
C GLU A 31 13.43 -17.44 7.18
N LEU A 32 12.63 -16.64 7.88
CA LEU A 32 11.32 -16.31 7.37
C LEU A 32 11.54 -16.09 5.86
N SER A 33 12.64 -15.43 5.54
CA SER A 33 12.92 -15.02 4.17
C SER A 33 13.32 -16.14 3.25
N TYR A 34 13.88 -17.22 3.79
CA TYR A 34 14.25 -18.39 2.98
C TYR A 34 13.00 -19.12 2.54
N ARG A 35 12.26 -19.64 3.52
CA ARG A 35 11.08 -20.41 3.25
C ARG A 35 10.28 -19.84 2.12
N GLN A 36 10.22 -18.53 2.00
CA GLN A 36 9.33 -17.93 1.04
C GLN A 36 10.01 -17.99 -0.29
N GLN A 37 11.30 -18.23 -0.23
CA GLN A 37 12.15 -18.14 -1.38
C GLN A 37 12.53 -19.53 -1.77
N ALA A 38 11.86 -20.48 -1.18
CA ALA A 38 12.22 -21.84 -1.38
C ALA A 38 10.95 -22.35 -1.90
N ALA A 39 9.88 -21.91 -1.28
CA ALA A 39 8.59 -22.28 -1.83
C ALA A 39 8.58 -21.61 -3.18
N ASN A 40 9.04 -20.37 -3.20
CA ASN A 40 9.05 -19.63 -4.44
C ASN A 40 9.70 -20.44 -5.55
N LEU A 41 10.83 -21.09 -5.27
CA LEU A 41 11.43 -21.95 -6.30
C LEU A 41 10.52 -23.10 -6.71
N LEU A 42 9.87 -23.72 -5.73
CA LEU A 42 8.94 -24.83 -5.95
C LEU A 42 7.95 -24.45 -7.01
N GLN A 43 7.38 -23.27 -6.86
CA GLN A 43 6.46 -22.76 -7.84
C GLN A 43 7.08 -22.77 -9.24
N ASP A 44 8.24 -22.14 -9.39
CA ASP A 44 8.76 -21.91 -10.73
C ASP A 44 8.88 -23.24 -11.43
N MET A 45 9.52 -24.19 -10.76
CA MET A 45 9.77 -25.50 -11.36
C MET A 45 8.47 -26.24 -11.71
N GLY A 46 7.58 -26.39 -10.74
CA GLY A 46 6.25 -26.93 -10.97
C GLY A 46 5.54 -26.37 -12.19
N GLN A 47 5.56 -25.06 -12.36
CA GLN A 47 5.03 -24.46 -13.57
C GLN A 47 5.81 -24.93 -14.79
N ARG A 48 7.12 -24.93 -14.68
CA ARG A 48 7.95 -25.38 -15.81
C ARG A 48 7.71 -26.87 -16.13
N LEU A 49 7.50 -27.69 -15.10
CA LEU A 49 7.26 -29.12 -15.26
C LEU A 49 5.84 -29.44 -15.71
N ASN A 50 4.97 -28.45 -15.64
CA ASN A 50 3.59 -28.67 -16.03
C ASN A 50 2.91 -29.54 -15.05
N VAL A 51 2.81 -29.08 -13.82
CA VAL A 51 2.05 -29.80 -12.82
C VAL A 51 1.01 -28.90 -12.18
N SER A 52 -0.02 -29.52 -11.61
CA SER A 52 -1.09 -28.78 -10.97
C SER A 52 -0.52 -27.85 -9.92
N GLN A 53 -1.21 -26.75 -9.70
CA GLN A 53 -0.83 -25.86 -8.63
C GLN A 53 -1.02 -26.54 -7.29
N LEU A 54 -1.68 -27.69 -7.29
CA LEU A 54 -1.91 -28.41 -6.05
C LEU A 54 -0.62 -29.05 -5.54
N THR A 55 0.05 -29.77 -6.42
CA THR A 55 1.29 -30.47 -6.12
C THR A 55 2.34 -29.52 -5.60
N ILE A 56 2.46 -28.41 -6.32
CA ILE A 56 3.24 -27.29 -5.87
C ILE A 56 2.95 -27.04 -4.41
N ASN A 57 1.69 -26.83 -4.06
CA ASN A 57 1.35 -26.61 -2.66
C ASN A 57 1.74 -27.76 -1.70
N THR A 58 1.72 -29.00 -2.18
CA THR A 58 2.01 -30.12 -1.30
C THR A 58 3.48 -30.22 -1.05
N ALA A 59 4.24 -29.76 -2.02
CA ALA A 59 5.66 -29.63 -1.83
C ALA A 59 5.88 -28.56 -0.76
N ILE A 60 5.26 -27.40 -0.94
CA ILE A 60 5.47 -26.26 -0.06
C ILE A 60 5.15 -26.63 1.37
N VAL A 61 4.27 -27.60 1.55
CA VAL A 61 3.96 -28.03 2.91
C VAL A 61 4.97 -29.01 3.47
N TYR A 62 5.57 -29.80 2.57
CA TYR A 62 6.65 -30.73 2.91
C TYR A 62 7.86 -29.93 3.30
N MET A 63 8.20 -29.00 2.44
CA MET A 63 9.28 -28.07 2.71
C MET A 63 9.05 -27.41 4.06
N HIS A 64 7.92 -26.74 4.24
CA HIS A 64 7.69 -26.08 5.51
C HIS A 64 7.91 -27.13 6.57
N ARG A 65 7.11 -28.18 6.56
CA ARG A 65 7.27 -29.22 7.55
C ARG A 65 8.67 -29.79 7.62
N PHE A 66 9.46 -29.63 6.58
CA PHE A 66 10.78 -30.27 6.60
C PHE A 66 11.69 -29.49 7.49
N TYR A 67 11.81 -28.20 7.25
CA TYR A 67 12.70 -27.41 8.06
C TYR A 67 12.07 -27.01 9.37
N MET A 68 11.48 -27.95 10.08
CA MET A 68 11.12 -27.73 11.45
C MET A 68 11.78 -28.84 12.15
N ILE A 69 12.66 -29.54 11.43
CA ILE A 69 13.40 -30.64 12.00
C ILE A 69 14.84 -30.60 11.61
N GLN A 70 15.15 -29.91 10.52
CA GLN A 70 16.53 -29.82 10.04
C GLN A 70 16.84 -28.38 9.75
N SER A 71 18.07 -27.94 10.03
CA SER A 71 18.49 -26.57 9.76
C SER A 71 18.57 -26.26 8.28
N PHE A 72 18.55 -25.00 7.88
CA PHE A 72 18.80 -24.66 6.50
C PHE A 72 20.29 -24.57 6.32
N THR A 73 21.04 -24.88 7.36
CA THR A 73 22.48 -24.88 7.26
C THR A 73 22.93 -26.24 6.74
N ARG A 74 22.26 -27.31 7.19
CA ARG A 74 22.65 -28.65 6.79
C ARG A 74 21.89 -29.20 5.59
N PHE A 75 20.84 -28.52 5.16
CA PHE A 75 20.14 -28.98 3.98
C PHE A 75 19.71 -27.80 3.20
N HIS A 76 20.50 -27.36 2.26
CA HIS A 76 20.16 -26.15 1.57
C HIS A 76 18.86 -26.15 0.77
N ARG A 77 18.05 -25.13 1.02
CA ARG A 77 16.75 -24.95 0.38
C ARG A 77 16.75 -25.16 -1.13
N ASN A 78 17.88 -24.94 -1.79
CA ASN A 78 17.89 -24.99 -3.23
C ASN A 78 18.14 -26.39 -3.75
N SER A 79 18.06 -27.37 -2.87
CA SER A 79 18.31 -28.74 -3.25
C SER A 79 17.40 -29.71 -2.54
N VAL A 80 16.67 -29.20 -1.57
CA VAL A 80 15.55 -29.90 -0.97
C VAL A 80 14.31 -29.49 -1.70
N ALA A 81 14.36 -28.34 -2.34
CA ALA A 81 13.23 -27.90 -3.15
C ALA A 81 12.89 -28.91 -4.23
N PRO A 82 13.80 -29.14 -5.19
CA PRO A 82 13.40 -30.07 -6.25
C PRO A 82 13.24 -31.50 -5.73
N ALA A 83 13.86 -31.83 -4.62
CA ALA A 83 13.77 -33.14 -4.07
C ALA A 83 12.39 -33.43 -3.64
N ALA A 84 11.72 -32.38 -3.18
CA ALA A 84 10.39 -32.50 -2.62
C ALA A 84 9.31 -32.29 -3.67
N LEU A 85 9.52 -31.34 -4.57
CA LEU A 85 8.59 -31.18 -5.68
C LEU A 85 8.52 -32.47 -6.37
N PHE A 86 9.60 -33.24 -6.28
CA PHE A 86 9.66 -34.48 -7.04
C PHE A 86 8.78 -35.53 -6.41
N LEU A 87 8.97 -35.72 -5.11
CA LEU A 87 8.22 -36.72 -4.35
C LEU A 87 6.80 -36.29 -4.17
N ALA A 88 6.56 -35.00 -4.36
CA ALA A 88 5.20 -34.47 -4.32
C ALA A 88 4.40 -34.93 -5.53
N ALA A 89 4.82 -34.52 -6.73
CA ALA A 89 4.19 -34.93 -7.97
C ALA A 89 4.20 -36.44 -8.17
N LYS A 90 4.78 -37.16 -7.23
CA LYS A 90 4.68 -38.61 -7.22
C LYS A 90 3.43 -38.92 -6.46
N VAL A 91 3.24 -38.19 -5.36
CA VAL A 91 2.11 -38.42 -4.49
C VAL A 91 0.82 -37.90 -5.06
N GLU A 92 0.64 -36.59 -5.10
CA GLU A 92 -0.44 -36.05 -5.91
C GLU A 92 -0.07 -36.68 -7.23
N GLU A 93 -0.98 -37.24 -8.00
CA GLU A 93 -0.47 -38.12 -9.05
C GLU A 93 -0.34 -37.56 -10.44
N GLN A 94 0.70 -36.75 -10.63
CA GLN A 94 1.19 -36.37 -11.95
C GLN A 94 2.66 -36.59 -11.93
N PRO A 95 3.08 -37.84 -12.09
CA PRO A 95 4.50 -38.11 -12.07
C PRO A 95 5.26 -37.41 -13.18
N LYS A 96 6.48 -36.99 -12.82
CA LYS A 96 7.50 -36.52 -13.73
C LYS A 96 8.74 -37.25 -13.27
N LYS A 97 9.70 -37.46 -14.17
CA LYS A 97 10.83 -38.33 -13.84
C LYS A 97 12.06 -37.57 -13.42
N LEU A 98 12.83 -38.16 -12.52
CA LEU A 98 14.00 -37.51 -11.96
C LEU A 98 14.75 -36.73 -13.03
N GLU A 99 15.24 -37.38 -14.06
CA GLU A 99 16.01 -36.64 -15.05
C GLU A 99 15.22 -35.45 -15.65
N HIS A 100 13.91 -35.46 -15.48
CA HIS A 100 13.08 -34.38 -15.97
C HIS A 100 13.08 -33.21 -14.99
N VAL A 101 12.95 -33.50 -13.69
CA VAL A 101 13.00 -32.46 -12.66
C VAL A 101 14.34 -31.71 -12.69
N ILE A 102 15.40 -32.48 -12.49
CA ILE A 102 16.74 -31.98 -12.60
C ILE A 102 16.93 -31.08 -13.81
N LYS A 103 16.53 -31.53 -14.99
CA LYS A 103 16.87 -30.76 -16.19
C LYS A 103 16.19 -29.41 -16.16
N VAL A 104 15.17 -29.28 -15.33
CA VAL A 104 14.43 -28.04 -15.17
C VAL A 104 15.11 -27.21 -14.11
N ALA A 105 15.17 -27.75 -12.90
CA ALA A 105 15.87 -27.08 -11.81
C ALA A 105 17.12 -26.43 -12.30
N HIS A 106 17.78 -27.10 -13.23
CA HIS A 106 19.04 -26.61 -13.73
C HIS A 106 18.86 -25.40 -14.62
N THR A 107 17.77 -25.32 -15.36
CA THR A 107 17.60 -24.13 -16.20
C THR A 107 16.79 -23.10 -15.43
N CYS A 108 16.48 -23.47 -14.19
CA CYS A 108 15.92 -22.54 -13.22
C CYS A 108 17.05 -21.76 -12.60
N LEU A 109 17.90 -22.48 -11.89
CA LEU A 109 19.00 -21.90 -11.16
C LEU A 109 20.17 -21.46 -12.02
N HIS A 110 20.28 -21.98 -13.22
CA HIS A 110 21.49 -21.73 -13.99
C HIS A 110 21.22 -21.34 -15.42
N PRO A 111 20.36 -20.34 -15.59
CA PRO A 111 19.79 -19.95 -16.87
C PRO A 111 20.76 -20.07 -18.03
N GLN A 112 21.95 -19.54 -17.89
CA GLN A 112 22.79 -19.49 -19.07
C GLN A 112 23.87 -20.56 -19.06
N GLU A 113 23.50 -21.77 -18.67
CA GLU A 113 24.47 -22.86 -18.70
C GLU A 113 24.28 -23.83 -19.85
N SER A 114 25.29 -24.67 -20.06
CA SER A 114 25.20 -25.77 -20.99
C SER A 114 24.19 -26.75 -20.43
N LEU A 115 23.12 -26.99 -21.14
CA LEU A 115 22.16 -27.98 -20.66
C LEU A 115 22.89 -29.30 -20.46
N PRO A 116 22.74 -29.85 -19.26
CA PRO A 116 23.45 -30.93 -18.56
C PRO A 116 23.88 -32.15 -19.42
N ASP A 117 25.12 -32.60 -19.28
CA ASP A 117 25.51 -33.85 -19.93
C ASP A 117 25.06 -35.08 -19.14
N THR A 118 24.12 -35.85 -19.69
CA THR A 118 23.44 -36.94 -18.96
C THR A 118 24.33 -38.10 -18.51
N ARG A 119 25.61 -37.96 -18.72
CA ARG A 119 26.53 -39.08 -18.62
C ARG A 119 27.73 -38.68 -17.78
N SER A 120 27.81 -37.38 -17.48
CA SER A 120 28.92 -36.80 -16.74
C SER A 120 28.90 -37.25 -15.29
N GLU A 121 30.06 -37.51 -14.70
CA GLU A 121 30.08 -37.96 -13.32
C GLU A 121 29.37 -36.95 -12.43
N ALA A 122 29.33 -35.70 -12.90
CA ALA A 122 28.66 -34.62 -12.17
C ALA A 122 27.19 -34.92 -12.04
N TYR A 123 26.61 -35.42 -13.12
CA TYR A 123 25.20 -35.69 -13.22
C TYR A 123 24.85 -36.98 -12.49
N LEU A 124 25.61 -38.02 -12.74
CA LEU A 124 25.28 -39.30 -12.16
C LEU A 124 25.53 -39.26 -10.66
N GLN A 125 26.00 -38.10 -10.19
CA GLN A 125 26.13 -37.89 -8.76
C GLN A 125 24.97 -37.06 -8.31
N GLN A 126 24.53 -36.15 -9.15
CA GLN A 126 23.40 -35.34 -8.79
C GLN A 126 22.26 -36.27 -8.49
N VAL A 127 21.83 -37.00 -9.50
CA VAL A 127 20.68 -37.88 -9.37
C VAL A 127 20.97 -38.82 -8.24
N GLN A 128 22.23 -39.03 -7.94
CA GLN A 128 22.54 -39.98 -6.92
C GLN A 128 22.08 -39.38 -5.62
N ASP A 129 21.92 -38.06 -5.62
CA ASP A 129 21.78 -37.29 -4.37
C ASP A 129 20.36 -37.05 -3.94
N LEU A 130 19.53 -36.51 -4.83
CA LEU A 130 18.14 -36.26 -4.51
C LEU A 130 17.49 -37.61 -4.30
N VAL A 131 18.17 -38.66 -4.70
CA VAL A 131 17.69 -39.98 -4.41
C VAL A 131 17.87 -40.26 -2.95
N ILE A 132 19.01 -39.84 -2.41
CA ILE A 132 19.27 -40.05 -1.00
C ILE A 132 18.55 -39.04 -0.16
N LEU A 133 18.39 -37.84 -0.71
CA LEU A 133 17.62 -36.78 -0.09
C LEU A 133 16.18 -37.19 0.07
N GLU A 134 15.60 -37.76 -0.98
CA GLU A 134 14.21 -38.18 -0.94
C GLU A 134 14.01 -39.22 0.14
N SER A 135 14.97 -40.09 0.32
CA SER A 135 14.83 -40.98 1.43
C SER A 135 14.83 -40.19 2.73
N ILE A 136 15.29 -38.95 2.71
CA ILE A 136 15.38 -38.19 3.94
C ILE A 136 14.09 -37.43 4.10
N ILE A 137 13.59 -36.86 3.00
CA ILE A 137 12.47 -35.96 3.11
C ILE A 137 11.30 -36.83 3.47
N LEU A 138 11.52 -38.14 3.42
CA LEU A 138 10.48 -39.06 3.78
C LEU A 138 10.65 -39.36 5.21
N GLN A 139 11.85 -39.73 5.60
CA GLN A 139 12.04 -40.26 6.94
C GLN A 139 11.70 -39.14 7.84
N THR A 140 11.72 -37.95 7.28
CA THR A 140 11.52 -36.74 8.08
C THR A 140 10.06 -36.46 8.31
N LEU A 141 9.23 -36.37 7.28
CA LEU A 141 7.83 -36.12 7.52
C LEU A 141 7.18 -37.37 8.04
N GLY A 142 7.99 -38.26 8.61
CA GLY A 142 7.45 -39.42 9.27
C GLY A 142 6.48 -40.18 8.41
N PHE A 143 6.74 -40.14 7.10
CA PHE A 143 5.97 -40.89 6.13
C PHE A 143 4.53 -40.40 6.00
N GLU A 144 4.29 -39.21 6.52
CA GLU A 144 2.96 -38.62 6.49
C GLU A 144 2.89 -37.68 5.32
N LEU A 145 2.56 -38.19 4.13
CA LEU A 145 2.59 -37.35 2.94
C LEU A 145 1.23 -37.00 2.41
N THR A 146 0.16 -37.51 3.02
CA THR A 146 -1.16 -37.21 2.46
C THR A 146 -1.55 -35.90 3.07
N ILE A 147 -1.44 -34.82 2.33
CA ILE A 147 -1.54 -33.52 2.99
C ILE A 147 -2.85 -32.80 2.77
N ASP A 148 -3.44 -32.25 3.83
CA ASP A 148 -4.70 -31.55 3.72
C ASP A 148 -4.52 -30.04 3.61
N HIS A 149 -5.22 -29.44 2.66
CA HIS A 149 -4.99 -28.05 2.33
C HIS A 149 -6.17 -27.19 2.67
N PRO A 150 -5.96 -25.88 2.76
CA PRO A 150 -7.07 -24.99 3.06
C PRO A 150 -7.98 -24.78 1.87
N HIS A 151 -7.46 -24.92 0.66
CA HIS A 151 -8.32 -24.74 -0.50
C HIS A 151 -9.47 -25.75 -0.54
N THR A 152 -9.28 -26.93 0.05
CA THR A 152 -10.30 -27.96 -0.06
C THR A 152 -11.53 -27.42 0.62
N HIS A 153 -11.28 -26.70 1.71
CA HIS A 153 -12.34 -26.11 2.52
C HIS A 153 -12.93 -24.87 1.88
N VAL A 154 -12.11 -23.86 1.65
CA VAL A 154 -12.59 -22.61 1.07
C VAL A 154 -13.55 -22.86 -0.12
N VAL A 155 -13.21 -23.83 -0.95
CA VAL A 155 -14.07 -24.27 -2.04
C VAL A 155 -15.49 -24.62 -1.53
N LYS A 156 -15.61 -24.84 -0.22
CA LYS A 156 -16.85 -25.26 0.43
C LYS A 156 -17.84 -24.12 0.68
N CYS A 157 -17.34 -23.01 1.24
CA CYS A 157 -18.20 -21.88 1.60
C CYS A 157 -18.01 -20.73 0.64
N THR A 158 -18.06 -21.02 -0.65
CA THR A 158 -17.85 -20.00 -1.69
C THR A 158 -19.16 -19.33 -2.09
N GLN A 159 -19.99 -20.08 -2.80
CA GLN A 159 -21.30 -19.56 -3.19
C GLN A 159 -22.32 -20.01 -2.15
N LEU A 160 -21.85 -20.81 -1.20
CA LEU A 160 -22.63 -21.08 0.02
C LEU A 160 -22.67 -19.79 0.83
N VAL A 161 -22.37 -18.68 0.16
CA VAL A 161 -22.79 -17.35 0.55
C VAL A 161 -22.96 -16.54 -0.73
N ARG A 162 -23.68 -15.42 -0.69
CA ARG A 162 -23.73 -14.54 -1.84
C ARG A 162 -22.31 -14.02 -2.06
N ALA A 163 -21.63 -14.55 -3.06
CA ALA A 163 -20.28 -14.10 -3.34
C ALA A 163 -20.02 -14.05 -4.85
N SER A 164 -19.78 -12.85 -5.36
CA SER A 164 -19.42 -12.71 -6.77
C SER A 164 -18.20 -13.55 -7.04
N LYS A 165 -18.27 -14.44 -8.04
CA LYS A 165 -17.11 -15.23 -8.42
C LYS A 165 -15.92 -14.29 -8.57
N ASP A 166 -16.17 -13.14 -9.20
CA ASP A 166 -15.16 -12.10 -9.38
C ASP A 166 -14.35 -11.88 -8.12
N LEU A 167 -14.96 -12.16 -6.97
CA LEU A 167 -14.28 -11.99 -5.69
C LEU A 167 -14.51 -13.19 -4.77
N ALA A 168 -14.94 -14.30 -5.35
CA ALA A 168 -15.22 -15.48 -4.56
C ALA A 168 -14.04 -16.44 -4.66
N GLN A 169 -13.20 -16.21 -5.65
CA GLN A 169 -12.03 -17.04 -5.90
C GLN A 169 -10.76 -16.24 -5.63
N THR A 170 -10.94 -15.00 -5.20
CA THR A 170 -9.88 -14.16 -4.67
C THR A 170 -9.49 -14.72 -3.30
N SER A 171 -10.21 -15.75 -2.86
CA SER A 171 -9.90 -16.42 -1.61
C SER A 171 -9.14 -17.71 -1.89
N TYR A 172 -9.48 -18.37 -2.99
CA TYR A 172 -8.75 -19.54 -3.43
C TYR A 172 -7.30 -19.12 -3.61
N PHE A 173 -7.08 -18.19 -4.53
CA PHE A 173 -5.77 -17.60 -4.76
C PHE A 173 -5.10 -17.19 -3.45
N MET A 174 -5.82 -16.53 -2.56
CA MET A 174 -5.20 -16.03 -1.35
C MET A 174 -4.80 -17.12 -0.38
N ALA A 175 -5.35 -18.31 -0.55
CA ALA A 175 -4.96 -19.41 0.31
C ALA A 175 -3.52 -19.76 0.05
N THR A 176 -3.19 -19.88 -1.23
CA THR A 176 -1.87 -20.31 -1.64
C THR A 176 -0.80 -19.39 -1.09
N ASN A 177 -1.16 -18.38 -0.33
CA ASN A 177 -0.13 -17.58 0.28
C ASN A 177 -0.05 -17.95 1.72
N SER A 178 -1.14 -18.49 2.24
CA SER A 178 -1.05 -19.20 3.50
C SER A 178 0.16 -20.10 3.44
N LEU A 179 0.71 -20.26 2.23
CA LEU A 179 1.83 -21.17 2.02
C LEU A 179 3.11 -20.46 1.63
N HIS A 180 3.10 -19.81 0.47
CA HIS A 180 4.26 -19.08 0.02
C HIS A 180 4.83 -18.21 1.14
N LEU A 181 4.11 -17.19 1.54
CA LEU A 181 4.70 -16.19 2.41
C LEU A 181 4.31 -16.21 3.88
N THR A 182 3.64 -17.25 4.34
CA THR A 182 3.34 -17.31 5.76
C THR A 182 3.66 -18.63 6.40
N THR A 183 4.05 -18.54 7.66
CA THR A 183 4.33 -19.71 8.45
C THR A 183 3.04 -20.37 8.84
N PHE A 184 1.94 -19.94 8.23
CA PHE A 184 0.61 -20.32 8.71
C PHE A 184 0.35 -21.82 8.82
N SER A 185 0.83 -22.56 7.81
CA SER A 185 0.54 -23.99 7.62
C SER A 185 1.12 -24.88 8.69
N LEU A 186 1.95 -24.32 9.54
CA LEU A 186 2.57 -25.03 10.66
C LEU A 186 1.96 -24.62 12.00
N GLN A 187 0.96 -23.72 11.98
CA GLN A 187 0.43 -23.10 13.19
C GLN A 187 -1.02 -23.43 13.51
N TYR A 188 -1.89 -23.21 12.54
CA TYR A 188 -3.32 -23.47 12.70
C TYR A 188 -3.83 -24.34 11.54
N THR A 189 -4.92 -25.06 11.75
CA THR A 189 -5.36 -26.10 10.81
C THR A 189 -5.84 -25.57 9.47
N PRO A 190 -6.01 -26.48 8.49
CA PRO A 190 -6.49 -26.01 7.20
C PRO A 190 -7.76 -25.18 7.34
N PRO A 191 -8.77 -25.68 8.09
CA PRO A 191 -10.03 -24.94 8.28
C PRO A 191 -9.74 -23.54 8.80
N VAL A 192 -9.39 -23.47 10.08
CA VAL A 192 -9.07 -22.20 10.70
C VAL A 192 -8.31 -21.32 9.73
N VAL A 193 -7.43 -21.92 8.94
CA VAL A 193 -6.57 -21.15 8.06
C VAL A 193 -7.33 -20.72 6.82
N ALA A 194 -8.37 -21.47 6.50
CA ALA A 194 -9.21 -21.12 5.37
C ALA A 194 -10.06 -19.92 5.79
N CYS A 195 -10.50 -19.95 7.05
CA CYS A 195 -11.36 -18.87 7.54
C CYS A 195 -10.64 -17.57 7.28
N VAL A 196 -9.32 -17.56 7.45
CA VAL A 196 -8.57 -16.31 7.34
C VAL A 196 -8.41 -15.88 5.89
N CYS A 197 -8.06 -16.81 5.02
CA CYS A 197 -7.84 -16.48 3.63
C CYS A 197 -9.09 -15.96 2.91
N ILE A 198 -10.16 -15.74 3.66
CA ILE A 198 -11.39 -15.22 3.07
C ILE A 198 -11.92 -13.99 3.80
N HIS A 199 -11.84 -14.01 5.13
CA HIS A 199 -12.20 -12.86 5.94
C HIS A 199 -11.27 -11.68 5.59
N LEU A 200 -10.06 -12.01 5.12
CA LEU A 200 -9.12 -11.02 4.58
C LEU A 200 -9.39 -10.76 3.11
N ALA A 201 -9.70 -11.82 2.36
CA ALA A 201 -9.94 -11.71 0.93
C ALA A 201 -11.05 -10.72 0.58
N CYS A 202 -12.03 -10.61 1.47
CA CYS A 202 -13.17 -9.74 1.21
C CYS A 202 -13.20 -8.55 2.15
N LYS A 203 -12.02 -8.13 2.60
CA LYS A 203 -11.87 -6.82 3.20
C LYS A 203 -11.05 -5.98 2.26
N TRP A 204 -10.52 -6.62 1.21
CA TRP A 204 -9.94 -5.89 0.09
C TRP A 204 -11.07 -5.77 -0.95
N SER A 205 -11.64 -6.92 -1.32
CA SER A 205 -12.97 -6.90 -1.90
C SER A 205 -13.76 -6.26 -0.80
N ASN A 206 -14.52 -5.23 -1.12
CA ASN A 206 -15.45 -4.78 -0.10
C ASN A 206 -16.81 -5.39 -0.31
N TRP A 207 -16.84 -6.67 -0.04
CA TRP A 207 -18.11 -7.33 0.13
C TRP A 207 -17.93 -8.05 1.44
N GLU A 208 -18.95 -8.09 2.28
CA GLU A 208 -18.81 -8.78 3.54
C GLU A 208 -19.86 -9.86 3.64
N ILE A 209 -19.76 -10.63 4.72
CA ILE A 209 -20.59 -11.80 4.90
C ILE A 209 -21.92 -11.44 5.51
N PRO A 210 -23.02 -11.74 4.80
CA PRO A 210 -24.28 -11.75 5.53
C PRO A 210 -24.23 -12.83 6.62
N VAL A 211 -24.67 -12.48 7.82
CA VAL A 211 -24.76 -13.44 8.91
C VAL A 211 -25.95 -14.35 8.70
N SER A 212 -25.80 -15.64 9.06
CA SER A 212 -26.87 -16.59 8.80
C SER A 212 -28.00 -16.43 9.81
N THR A 213 -29.22 -16.55 9.30
CA THR A 213 -30.38 -16.08 10.03
C THR A 213 -30.57 -16.67 11.44
N ASP A 214 -30.74 -17.98 11.54
CA ASP A 214 -31.15 -18.55 12.83
C ASP A 214 -30.03 -18.86 13.84
N GLY A 215 -29.31 -17.81 14.25
CA GLY A 215 -28.48 -17.86 15.45
C GLY A 215 -27.20 -18.66 15.39
N LYS A 216 -26.39 -18.39 14.39
CA LYS A 216 -25.09 -19.05 14.26
C LYS A 216 -24.37 -18.31 13.15
N HIS A 217 -23.11 -17.98 13.37
CA HIS A 217 -22.45 -17.10 12.41
C HIS A 217 -22.01 -17.86 11.17
N TRP A 218 -22.00 -17.15 10.04
CA TRP A 218 -21.72 -17.74 8.73
C TRP A 218 -20.26 -18.14 8.56
N TRP A 219 -19.51 -18.18 9.65
CA TRP A 219 -18.14 -18.65 9.60
C TRP A 219 -17.94 -19.81 10.58
N GLU A 220 -18.91 -19.99 11.46
CA GLU A 220 -18.88 -21.06 12.46
C GLU A 220 -19.31 -22.37 11.82
N TYR A 221 -19.56 -22.35 10.52
CA TYR A 221 -20.00 -23.55 9.80
C TYR A 221 -18.85 -24.29 9.09
N VAL A 222 -17.62 -23.75 9.18
CA VAL A 222 -16.47 -24.40 8.58
C VAL A 222 -15.47 -24.86 9.64
N ASP A 223 -15.61 -24.29 10.84
CA ASP A 223 -14.82 -24.74 11.98
C ASP A 223 -15.53 -24.39 13.29
N ALA A 224 -15.24 -25.18 14.31
CA ALA A 224 -15.96 -25.13 15.57
C ALA A 224 -15.48 -24.06 16.55
N THR A 225 -14.18 -23.90 16.70
CA THR A 225 -13.64 -22.84 17.56
C THR A 225 -13.04 -21.75 16.72
N VAL A 226 -13.73 -20.61 16.64
CA VAL A 226 -13.22 -19.51 15.83
C VAL A 226 -13.76 -18.14 16.23
N THR A 227 -12.83 -17.23 16.54
CA THR A 227 -13.20 -15.90 16.97
C THR A 227 -12.67 -14.82 16.02
N LEU A 228 -13.39 -13.72 15.92
CA LEU A 228 -12.93 -12.57 15.16
C LEU A 228 -11.75 -11.98 15.92
N GLU A 229 -11.77 -12.16 17.24
CA GLU A 229 -10.66 -11.74 18.09
C GLU A 229 -9.38 -12.35 17.55
N LEU A 230 -9.48 -13.54 16.98
CA LEU A 230 -8.32 -14.16 16.38
C LEU A 230 -8.21 -13.72 14.92
N LEU A 231 -9.23 -14.03 14.12
CA LEU A 231 -9.16 -13.79 12.67
C LEU A 231 -8.74 -12.35 12.37
N ASP A 232 -9.10 -11.42 13.24
CA ASP A 232 -8.61 -10.06 13.09
C ASP A 232 -7.15 -10.01 13.49
N GLU A 233 -6.81 -10.73 14.54
CA GLU A 233 -5.43 -10.83 15.00
C GLU A 233 -4.54 -11.38 13.89
N LEU A 234 -5.02 -12.39 13.19
CA LEU A 234 -4.19 -13.07 12.19
C LEU A 234 -4.05 -12.26 10.91
N THR A 235 -5.15 -11.70 10.42
CA THR A 235 -5.06 -10.98 9.18
C THR A 235 -4.17 -9.76 9.37
N HIS A 236 -3.91 -9.39 10.61
CA HIS A 236 -2.86 -8.42 10.87
C HIS A 236 -1.54 -9.06 10.50
N GLU A 237 -1.17 -10.11 11.22
CA GLU A 237 0.06 -10.80 10.94
C GLU A 237 0.17 -10.97 9.42
N PHE A 238 -0.80 -11.64 8.82
CA PHE A 238 -0.75 -11.91 7.39
C PHE A 238 -0.39 -10.67 6.57
N LEU A 239 -0.78 -9.50 7.03
CA LEU A 239 -0.62 -8.32 6.20
C LEU A 239 0.67 -7.58 6.50
N GLN A 240 0.99 -7.47 7.79
CA GLN A 240 2.23 -6.83 8.19
C GLN A 240 3.37 -7.78 7.90
N ILE A 241 2.99 -8.95 7.39
CA ILE A 241 3.92 -9.93 6.87
C ILE A 241 3.82 -9.89 5.33
N LEU A 242 2.65 -9.55 4.85
CA LEU A 242 2.44 -9.35 3.42
C LEU A 242 3.09 -8.02 3.02
N GLU A 243 3.41 -7.20 4.02
CA GLU A 243 4.04 -5.91 3.79
C GLU A 243 5.25 -5.74 4.71
N LYS A 244 5.60 -6.78 5.45
CA LYS A 244 6.92 -6.86 6.05
C LYS A 244 7.87 -7.36 4.95
N THR A 245 7.38 -7.30 3.71
CA THR A 245 8.20 -7.68 2.57
C THR A 245 8.67 -6.45 1.87
N PRO A 246 10.00 -6.39 1.67
CA PRO A 246 10.85 -5.39 1.03
C PRO A 246 10.58 -5.36 -0.47
N ASN A 247 9.32 -5.18 -0.81
CA ASN A 247 8.87 -4.90 -2.17
C ASN A 247 9.44 -5.87 -3.20
N ARG A 248 9.58 -7.12 -2.79
CA ARG A 248 10.11 -8.17 -3.66
C ARG A 248 8.96 -8.78 -4.45
N LEU A 249 7.79 -8.19 -4.32
CA LEU A 249 6.65 -8.77 -5.01
C LEU A 249 6.56 -8.37 -6.45
N LYS A 250 7.58 -8.78 -7.20
CA LYS A 250 7.37 -9.30 -8.53
C LYS A 250 6.92 -10.74 -8.23
N ARG A 251 5.60 -10.89 -8.15
CA ARG A 251 4.92 -11.90 -7.36
C ARG A 251 4.79 -13.26 -7.98
N ILE A 252 4.34 -14.19 -7.16
CA ILE A 252 4.71 -15.59 -7.31
C ILE A 252 4.16 -16.36 -8.54
N TRP A 253 2.84 -16.39 -8.72
CA TRP A 253 2.27 -17.10 -9.86
C TRP A 253 1.90 -16.14 -10.99
N ASN A 254 2.43 -14.92 -10.93
CA ASN A 254 2.65 -14.17 -12.16
C ASN A 254 3.95 -14.57 -12.84
N TRP A 255 3.88 -15.35 -13.90
CA TRP A 255 5.01 -15.30 -14.80
C TRP A 255 4.38 -14.65 -15.94
N ARG A 256 3.35 -15.32 -16.42
CA ARG A 256 2.57 -14.77 -17.48
C ARG A 256 1.08 -15.04 -17.16
N ALA A 257 0.76 -15.00 -15.85
CA ALA A 257 -0.60 -15.17 -15.31
C ALA A 257 -0.80 -14.20 -14.14
N CYS A 258 -0.63 -12.90 -14.41
CA CYS A 258 -0.51 -11.88 -13.38
C CYS A 258 -1.71 -10.99 -13.49
N GLN A 259 -1.82 -10.37 -14.67
CA GLN A 259 -2.86 -9.39 -14.92
C GLN A 259 -4.29 -10.07 -15.00
N ALA A 260 -5.35 -9.36 -14.63
CA ALA A 260 -6.69 -9.99 -14.46
C ALA A 260 -7.41 -10.18 -15.81
N ALA A 261 -7.88 -11.40 -16.04
CA ALA A 261 -7.73 -12.12 -17.36
C ALA A 261 -8.23 -11.53 -18.72
N LYS A 262 -7.47 -11.92 -19.73
CA LYS A 262 -6.72 -11.01 -20.61
C LYS A 262 -7.33 -9.83 -21.37
N LYS A 263 -6.47 -8.82 -21.53
CA LYS A 263 -6.69 -7.62 -22.34
C LYS A 263 -5.45 -7.36 -23.22
N THR A 264 -4.34 -6.96 -22.59
CA THR A 264 -3.09 -6.64 -23.29
C THR A 264 -3.19 -5.35 -24.10
N GLN B 1 -19.05 43.91 -21.73
CA GLN B 1 -17.79 43.26 -22.07
C GLN B 1 -17.35 42.27 -21.01
N ARG B 2 -18.01 41.13 -20.87
CA ARG B 2 -17.45 40.05 -20.07
C ARG B 2 -16.33 39.48 -20.93
N LYS B 3 -15.12 39.43 -20.39
CA LYS B 3 -14.04 38.82 -21.15
C LYS B 3 -14.21 37.30 -21.17
N ASN B 4 -13.97 36.70 -22.33
CA ASN B 4 -13.96 35.25 -22.44
C ASN B 4 -12.73 34.73 -21.71
N ASN B 5 -12.83 34.64 -20.38
CA ASN B 5 -11.66 34.40 -19.56
C ASN B 5 -11.87 33.35 -18.46
N ASN B 6 -12.71 32.36 -18.73
CA ASN B 6 -12.80 31.25 -17.81
C ASN B 6 -11.51 30.46 -17.88
N LYS B 7 -10.61 30.95 -18.72
CA LYS B 7 -9.24 30.46 -18.88
C LYS B 7 -8.42 30.98 -17.72
N ARG B 8 -9.08 31.69 -16.83
CA ARG B 8 -8.37 32.41 -15.80
C ARG B 8 -7.54 31.52 -14.90
N TRP B 9 -8.18 30.61 -14.18
CA TRP B 9 -7.44 29.92 -13.14
C TRP B 9 -7.17 28.44 -13.38
N TYR B 10 -6.88 28.09 -14.64
CA TYR B 10 -6.60 26.71 -15.03
C TYR B 10 -5.39 26.60 -15.97
N PHE B 11 -4.57 25.57 -15.77
CA PHE B 11 -3.26 25.48 -16.42
C PHE B 11 -2.85 24.08 -16.93
N THR B 12 -1.93 24.06 -17.90
CA THR B 12 -1.43 22.82 -18.51
C THR B 12 -0.24 22.27 -17.74
N ARG B 13 -0.04 20.96 -17.79
CA ARG B 13 1.07 20.36 -17.06
C ARG B 13 2.38 20.99 -17.51
N GLU B 14 2.36 21.62 -18.67
CA GLU B 14 3.53 22.29 -19.21
C GLU B 14 3.60 23.71 -18.65
N GLN B 15 2.60 24.09 -17.86
CA GLN B 15 2.57 25.39 -17.22
C GLN B 15 3.01 25.35 -15.76
N LEU B 16 2.51 24.39 -15.01
CA LEU B 16 2.93 24.23 -13.63
C LEU B 16 4.40 23.81 -13.57
N GLU B 17 4.98 23.53 -14.72
CA GLU B 17 6.39 23.26 -14.78
C GLU B 17 7.04 24.62 -14.84
N ASN B 18 6.45 25.52 -15.60
CA ASN B 18 6.92 26.89 -15.58
C ASN B 18 6.16 27.58 -14.47
N SER B 19 6.30 27.03 -13.28
CA SER B 19 5.81 27.65 -12.06
C SER B 19 6.54 28.97 -11.91
N PRO B 20 6.01 29.88 -11.10
CA PRO B 20 6.79 31.10 -10.94
C PRO B 20 7.72 30.90 -9.78
N SER B 21 7.38 29.95 -8.90
CA SER B 21 8.32 29.50 -7.89
C SER B 21 9.37 28.61 -8.55
N ARG B 22 9.23 28.40 -9.86
CA ARG B 22 10.11 27.53 -10.61
C ARG B 22 11.23 28.36 -11.17
N ARG B 23 10.91 29.59 -11.52
CA ARG B 23 11.91 30.50 -12.04
C ARG B 23 12.87 30.90 -10.91
N PHE B 24 12.83 30.14 -9.81
CA PHE B 24 13.74 30.34 -8.69
C PHE B 24 14.41 29.04 -8.32
N GLY B 25 15.45 29.20 -7.51
CA GLY B 25 16.34 28.12 -7.22
C GLY B 25 15.85 27.07 -6.25
N LEU B 26 14.70 26.44 -6.53
CA LEU B 26 14.38 25.19 -5.84
C LEU B 26 13.29 24.33 -6.47
N ASP B 27 13.39 23.04 -6.13
CA ASP B 27 12.77 21.89 -6.79
C ASP B 27 11.27 21.90 -6.99
N PRO B 28 10.81 21.01 -7.88
CA PRO B 28 9.43 20.53 -8.00
C PRO B 28 9.14 19.52 -6.90
N ASP B 29 9.96 18.49 -6.78
CA ASP B 29 9.82 17.54 -5.69
C ASP B 29 9.62 18.27 -4.36
N LYS B 30 10.27 19.43 -4.20
CA LYS B 30 10.04 20.25 -3.02
C LYS B 30 8.71 20.99 -3.07
N GLU B 31 8.51 21.82 -4.09
CA GLU B 31 7.28 22.58 -4.24
C GLU B 31 6.01 21.74 -4.10
N LEU B 32 5.84 20.71 -4.92
CA LEU B 32 4.72 19.83 -4.73
C LEU B 32 4.60 19.64 -3.21
N SER B 33 5.77 19.49 -2.58
CA SER B 33 5.82 19.15 -1.16
C SER B 33 5.45 20.29 -0.25
N TYR B 34 5.61 21.54 -0.71
CA TYR B 34 5.24 22.70 0.11
C TYR B 34 3.74 22.79 0.17
N ARG B 35 3.13 22.99 -0.99
CA ARG B 35 1.70 23.18 -1.08
C ARG B 35 0.97 22.27 -0.14
N GLN B 36 1.45 21.06 0.02
CA GLN B 36 0.67 20.08 0.76
C GLN B 36 0.88 20.35 2.23
N GLN B 37 1.91 21.13 2.48
CA GLN B 37 2.41 21.33 3.81
C GLN B 37 2.05 22.74 4.19
N ALA B 38 1.23 23.34 3.38
CA ALA B 38 0.89 24.71 3.60
C ALA B 38 -0.57 24.58 3.73
N ALA B 39 -1.16 23.75 2.90
CA ALA B 39 -2.57 23.49 3.07
C ALA B 39 -2.64 22.81 4.40
N ASN B 40 -1.74 21.87 4.61
CA ASN B 40 -1.70 21.17 5.86
C ASN B 40 -1.78 22.11 7.06
N LEU B 41 -1.02 23.20 7.05
CA LEU B 41 -1.10 24.16 8.15
C LEU B 41 -2.49 24.81 8.24
N LEU B 42 -3.05 25.17 7.09
CA LEU B 42 -4.39 25.73 7.00
C LEU B 42 -5.36 24.89 7.78
N GLN B 43 -5.32 23.60 7.55
CA GLN B 43 -6.15 22.68 8.30
C GLN B 43 -5.98 22.86 9.80
N ASP B 44 -4.75 22.79 10.28
CA ASP B 44 -4.53 22.73 11.71
C ASP B 44 -5.17 23.94 12.31
N MET B 45 -4.86 25.11 11.78
CA MET B 45 -5.35 26.35 12.36
C MET B 45 -6.89 26.46 12.33
N GLY B 46 -7.49 26.27 11.15
CA GLY B 46 -8.93 26.19 11.01
C GLY B 46 -9.62 25.31 12.04
N GLN B 47 -9.09 24.11 12.27
CA GLN B 47 -9.61 23.28 13.34
C GLN B 47 -9.42 23.97 14.69
N ARG B 48 -8.25 24.54 14.92
CA ARG B 48 -8.04 25.23 16.20
C ARG B 48 -8.96 26.44 16.34
N LEU B 49 -9.23 27.14 15.24
CA LEU B 49 -10.08 28.33 15.26
C LEU B 49 -11.55 27.99 15.34
N ASN B 50 -11.88 26.74 15.13
CA ASN B 50 -13.29 26.34 15.12
C ASN B 50 -13.99 26.89 13.92
N VAL B 51 -13.58 26.48 12.74
CA VAL B 51 -14.30 26.88 11.55
C VAL B 51 -14.62 25.65 10.72
N SER B 52 -15.62 25.79 9.86
CA SER B 52 -16.07 24.72 9.01
C SER B 52 -14.93 24.19 8.19
N GLN B 53 -14.98 22.91 7.88
CA GLN B 53 -13.99 22.34 7.01
C GLN B 53 -14.09 22.94 5.62
N LEU B 54 -15.16 23.69 5.38
CA LEU B 54 -15.35 24.31 4.08
C LEU B 54 -14.38 25.46 3.87
N THR B 55 -14.34 26.37 4.85
CA THR B 55 -13.48 27.54 4.83
C THR B 55 -12.01 27.16 4.68
N ILE B 56 -11.65 26.16 5.45
CA ILE B 56 -10.37 25.52 5.30
C ILE B 56 -10.15 25.26 3.82
N ASN B 57 -11.06 24.54 3.18
CA ASN B 57 -10.91 24.30 1.74
C ASN B 57 -10.83 25.54 0.84
N THR B 58 -11.49 26.63 1.24
CA THR B 58 -11.48 27.80 0.40
C THR B 58 -10.17 28.52 0.56
N ALA B 59 -9.55 28.36 1.70
CA ALA B 59 -8.23 28.88 1.88
C ALA B 59 -7.31 28.09 0.99
N ILE B 60 -7.39 26.76 1.07
CA ILE B 60 -6.50 25.88 0.33
C ILE B 60 -6.59 26.15 -1.15
N VAL B 61 -7.68 26.71 -1.61
CA VAL B 61 -7.80 27.01 -3.03
C VAL B 61 -7.21 28.37 -3.36
N TYR B 62 -7.26 29.29 -2.41
CA TYR B 62 -6.62 30.60 -2.51
C TYR B 62 -5.14 30.40 -2.53
N MET B 63 -4.67 29.63 -1.57
CA MET B 63 -3.28 29.27 -1.47
C MET B 63 -2.83 28.68 -2.81
N HIS B 64 -3.48 27.61 -3.26
CA HIS B 64 -3.06 26.98 -4.48
C HIS B 64 -3.04 28.09 -5.49
N ARG B 65 -4.18 28.69 -5.76
CA ARG B 65 -4.23 29.75 -6.76
C ARG B 65 -3.26 30.88 -6.48
N PHE B 66 -2.77 31.02 -5.26
CA PHE B 66 -1.89 32.14 -4.97
C PHE B 66 -0.51 31.91 -5.51
N TYR B 67 0.06 30.77 -5.20
CA TYR B 67 1.37 30.45 -5.72
C TYR B 67 1.34 29.90 -7.13
N MET B 68 0.60 30.55 -8.00
CA MET B 68 0.71 30.28 -9.41
C MET B 68 0.99 31.63 -9.99
N ILE B 69 1.25 32.57 -9.10
CA ILE B 69 1.59 33.91 -9.52
C ILE B 69 2.80 34.47 -8.79
N GLN B 70 3.07 33.94 -7.61
CA GLN B 70 4.18 34.40 -6.80
C GLN B 70 4.98 33.20 -6.35
N SER B 71 6.29 33.34 -6.25
CA SER B 71 7.17 32.25 -5.82
C SER B 71 7.00 31.91 -4.36
N PHE B 72 7.42 30.74 -3.91
CA PHE B 72 7.44 30.47 -2.49
C PHE B 72 8.72 31.03 -1.92
N THR B 73 9.50 31.70 -2.75
CA THR B 73 10.72 32.33 -2.29
C THR B 73 10.40 33.71 -1.77
N ARG B 74 9.48 34.41 -2.43
CA ARG B 74 9.14 35.78 -2.01
C ARG B 74 7.95 35.88 -1.07
N PHE B 75 7.21 34.80 -0.88
CA PHE B 75 6.10 34.83 0.06
C PHE B 75 6.04 33.52 0.74
N HIS B 76 6.66 33.42 1.88
CA HIS B 76 6.70 32.14 2.54
C HIS B 76 5.37 31.54 2.98
N ARG B 77 5.17 30.29 2.58
CA ARG B 77 3.95 29.53 2.88
C ARG B 77 3.48 29.63 4.31
N ASN B 78 4.39 29.89 5.25
CA ASN B 78 4.00 29.86 6.65
C ASN B 78 3.46 31.20 7.13
N SER B 79 3.22 32.10 6.20
CA SER B 79 2.75 33.41 6.56
C SER B 79 1.74 33.93 5.59
N VAL B 80 1.56 33.22 4.49
CA VAL B 80 0.44 33.42 3.59
C VAL B 80 -0.66 32.48 4.01
N ALA B 81 -0.29 31.43 4.71
CA ALA B 81 -1.27 30.49 5.21
C ALA B 81 -2.26 31.22 6.10
N PRO B 82 -1.82 31.72 7.25
CA PRO B 82 -2.84 32.34 8.11
C PRO B 82 -3.46 33.56 7.46
N ALA B 83 -2.77 34.18 6.52
CA ALA B 83 -3.27 35.40 5.92
C ALA B 83 -4.48 35.10 5.14
N ALA B 84 -4.51 33.89 4.59
CA ALA B 84 -5.58 33.47 3.70
C ALA B 84 -6.68 32.75 4.45
N LEU B 85 -6.31 31.93 5.42
CA LEU B 85 -7.32 31.31 6.26
C LEU B 85 -8.11 32.41 6.84
N PHE B 86 -7.50 33.58 6.99
CA PHE B 86 -8.16 34.68 7.66
C PHE B 86 -9.21 35.32 6.76
N LEU B 87 -8.80 35.66 5.56
CA LEU B 87 -9.68 36.26 4.56
C LEU B 87 -10.69 35.24 4.06
N ALA B 88 -10.40 33.96 4.24
CA ALA B 88 -11.33 32.91 3.88
C ALA B 88 -12.54 32.91 4.79
N ALA B 89 -12.31 32.64 6.07
CA ALA B 89 -13.35 32.69 7.10
C ALA B 89 -14.04 34.04 7.21
N LYS B 90 -13.61 35.00 6.40
CA LYS B 90 -14.31 36.27 6.29
C LYS B 90 -15.31 36.05 5.22
N VAL B 91 -14.87 35.39 4.16
CA VAL B 91 -15.73 35.17 3.00
C VAL B 91 -16.78 34.11 3.26
N GLU B 92 -16.40 32.85 3.30
CA GLU B 92 -17.32 31.85 3.86
C GLU B 92 -17.61 32.50 5.19
N GLU B 93 -18.84 32.57 5.66
CA GLU B 93 -19.03 33.53 6.76
C GLU B 93 -19.02 32.99 8.17
N GLN B 94 -17.81 32.68 8.65
CA GLN B 94 -17.57 32.48 10.07
C GLN B 94 -16.37 33.32 10.41
N PRO B 95 -16.60 34.61 10.62
CA PRO B 95 -15.48 35.45 10.95
C PRO B 95 -14.81 35.08 12.26
N LYS B 96 -13.48 35.24 12.26
CA LYS B 96 -12.64 35.21 13.45
C LYS B 96 -11.77 36.43 13.28
N LYS B 97 -11.24 36.97 14.36
CA LYS B 97 -10.55 38.26 14.29
C LYS B 97 -9.04 38.13 14.25
N LEU B 98 -8.40 39.04 13.53
CA LEU B 98 -6.95 38.99 13.34
C LEU B 98 -6.26 38.54 14.60
N GLU B 99 -6.39 39.27 15.69
CA GLU B 99 -5.65 38.86 16.88
C GLU B 99 -5.99 37.41 17.33
N HIS B 100 -7.10 36.88 16.83
CA HIS B 100 -7.49 35.52 17.15
C HIS B 100 -6.73 34.52 16.26
N VAL B 101 -6.62 34.83 14.97
CA VAL B 101 -5.86 33.98 14.05
C VAL B 101 -4.39 33.87 14.47
N ILE B 102 -3.75 35.02 14.51
CA ILE B 102 -2.40 35.13 14.98
C ILE B 102 -2.15 34.33 16.24
N LYS B 103 -2.99 34.49 17.25
CA LYS B 103 -2.69 33.86 18.53
C LYS B 103 -2.69 32.34 18.43
N VAL B 104 -3.33 31.83 17.38
CA VAL B 104 -3.39 30.41 17.10
C VAL B 104 -2.16 30.02 16.29
N ALA B 105 -2.04 30.58 15.10
CA ALA B 105 -0.87 30.33 14.26
C ALA B 105 0.37 30.26 15.11
N HIS B 106 0.41 31.12 16.13
CA HIS B 106 1.59 31.18 16.97
C HIS B 106 1.74 29.97 17.87
N THR B 107 0.65 29.37 18.30
CA THR B 107 0.78 28.18 19.13
C THR B 107 0.71 26.94 18.25
N CYS B 108 0.61 27.21 16.96
CA CYS B 108 0.75 26.19 15.95
C CYS B 108 2.23 26.01 15.67
N LEU B 109 2.85 27.07 15.16
CA LEU B 109 4.23 27.06 14.75
C LEU B 109 5.22 27.10 15.91
N HIS B 110 4.79 27.54 17.08
CA HIS B 110 5.74 27.80 18.14
C HIS B 110 5.29 27.26 19.48
N PRO B 111 4.91 25.99 19.49
CA PRO B 111 4.24 25.32 20.60
C PRO B 111 4.76 25.79 21.95
N GLN B 112 6.06 25.90 22.08
CA GLN B 112 6.60 26.06 23.41
C GLN B 112 7.02 27.48 23.72
N GLU B 113 6.29 28.44 23.17
CA GLU B 113 6.65 29.83 23.41
C GLU B 113 5.77 30.56 24.40
N SER B 114 6.22 31.74 24.79
CA SER B 114 5.42 32.64 25.61
C SER B 114 4.28 33.11 24.74
N LEU B 115 3.05 32.83 25.15
CA LEU B 115 1.94 33.34 24.39
C LEU B 115 2.05 34.85 24.30
N PRO B 116 2.01 35.35 23.08
CA PRO B 116 2.35 36.68 22.54
C PRO B 116 1.96 37.91 23.39
N ASP B 117 2.87 38.88 23.52
CA ASP B 117 2.50 40.11 24.20
C ASP B 117 1.80 41.08 23.26
N THR B 118 0.52 41.36 23.51
CA THR B 118 -0.33 42.08 22.56
C THR B 118 0.04 43.52 22.28
N ARG B 119 1.17 43.94 22.82
CA ARG B 119 1.52 45.34 22.88
C ARG B 119 2.95 45.53 22.41
N SER B 120 3.65 44.41 22.23
CA SER B 120 5.06 44.41 21.82
C SER B 120 5.22 44.88 20.39
N GLU B 121 6.27 45.65 20.10
CA GLU B 121 6.45 46.15 18.74
C GLU B 121 6.48 44.98 17.76
N ALA B 122 6.88 43.81 18.26
CA ALA B 122 6.95 42.61 17.46
C ALA B 122 5.58 42.26 16.94
N TYR B 123 4.58 42.41 17.81
CA TYR B 123 3.21 42.02 17.51
C TYR B 123 2.55 43.07 16.65
N LEU B 124 2.71 44.33 17.03
CA LEU B 124 2.03 45.39 16.31
C LEU B 124 2.66 45.55 14.94
N GLN B 125 3.68 44.75 14.67
CA GLN B 125 4.24 44.67 13.34
C GLN B 125 3.70 43.45 12.64
N GLN B 126 3.48 42.38 13.40
CA GLN B 126 2.92 41.20 12.81
C GLN B 126 1.61 41.57 12.17
N VAL B 127 0.67 42.00 13.00
CA VAL B 127 -0.66 42.31 12.52
C VAL B 127 -0.53 43.36 11.47
N GLN B 128 0.56 44.10 11.48
CA GLN B 128 0.70 45.15 10.52
C GLN B 128 0.91 44.50 9.18
N ASP B 129 1.34 43.23 9.22
CA ASP B 129 1.84 42.54 8.02
C ASP B 129 0.81 41.73 7.25
N LEU B 130 0.08 40.85 7.95
CA LEU B 130 -0.96 40.06 7.31
C LEU B 130 -2.04 41.00 6.85
N VAL B 131 -1.99 42.23 7.34
CA VAL B 131 -2.90 43.23 6.86
C VAL B 131 -2.48 43.61 5.49
N ILE B 132 -1.19 43.78 5.28
CA ILE B 132 -0.67 44.15 3.98
C ILE B 132 -0.66 42.97 3.04
N LEU B 133 -0.42 41.80 3.60
CA LEU B 133 -0.48 40.55 2.86
C LEU B 133 -1.87 40.32 2.30
N GLU B 134 -2.88 40.54 3.13
CA GLU B 134 -4.24 40.33 2.70
C GLU B 134 -4.55 41.20 1.53
N SER B 135 -4.09 42.43 1.58
CA SER B 135 -4.29 43.26 0.43
C SER B 135 -3.62 42.65 -0.79
N ILE B 136 -2.68 41.77 -0.56
CA ILE B 136 -1.99 41.17 -1.69
C ILE B 136 -2.75 39.94 -2.15
N ILE B 137 -2.90 38.94 -1.27
CA ILE B 137 -3.74 37.78 -1.56
C ILE B 137 -5.07 38.11 -2.19
N LEU B 138 -5.51 39.36 -2.12
CA LEU B 138 -6.71 39.78 -2.81
C LEU B 138 -6.32 40.22 -4.18
N GLN B 139 -5.40 41.15 -4.24
CA GLN B 139 -5.00 41.70 -5.51
C GLN B 139 -4.56 40.59 -6.41
N THR B 140 -4.15 39.50 -5.81
CA THR B 140 -3.63 38.39 -6.58
C THR B 140 -4.74 37.54 -7.18
N LEU B 141 -5.66 37.00 -6.38
CA LEU B 141 -6.72 36.20 -6.96
C LEU B 141 -7.66 37.10 -7.71
N GLY B 142 -7.19 38.25 -8.12
CA GLY B 142 -7.99 39.13 -8.94
C GLY B 142 -9.37 39.37 -8.39
N PHE B 143 -9.47 39.36 -7.07
CA PHE B 143 -10.73 39.65 -6.37
C PHE B 143 -11.80 38.60 -6.58
N GLU B 144 -11.38 37.45 -7.09
CA GLU B 144 -12.28 36.36 -7.37
C GLU B 144 -12.25 35.40 -6.21
N LEU B 145 -13.05 35.66 -5.18
CA LEU B 145 -12.97 34.83 -3.99
C LEU B 145 -14.14 33.92 -3.79
N THR B 146 -15.11 33.95 -4.68
CA THR B 146 -16.27 33.12 -4.44
C THR B 146 -15.90 31.79 -5.03
N ILE B 147 -15.60 30.81 -4.19
CA ILE B 147 -14.97 29.61 -4.72
C ILE B 147 -15.89 28.43 -4.90
N ASP B 148 -15.78 27.73 -6.03
CA ASP B 148 -16.60 26.53 -6.25
C ASP B 148 -15.82 25.26 -5.99
N HIS B 149 -16.42 24.37 -5.21
CA HIS B 149 -15.71 23.18 -4.75
C HIS B 149 -16.28 21.92 -5.36
N PRO B 150 -15.52 20.83 -5.33
CA PRO B 150 -16.03 19.55 -5.83
C PRO B 150 -17.03 18.90 -4.89
N HIS B 151 -16.95 19.17 -3.61
CA HIS B 151 -17.93 18.59 -2.71
C HIS B 151 -19.37 19.02 -3.01
N THR B 152 -19.56 20.20 -3.60
CA THR B 152 -20.92 20.68 -3.82
C THR B 152 -21.57 19.70 -4.76
N HIS B 153 -20.76 19.23 -5.71
CA HIS B 153 -21.20 18.31 -6.73
C HIS B 153 -21.37 16.90 -6.19
N VAL B 154 -20.28 16.32 -5.70
CA VAL B 154 -20.32 14.95 -5.20
C VAL B 154 -21.56 14.69 -4.31
N VAL B 155 -21.89 15.66 -3.48
CA VAL B 155 -23.11 15.63 -2.66
C VAL B 155 -24.37 15.37 -3.55
N LYS B 156 -24.21 15.58 -4.85
CA LYS B 156 -25.31 15.49 -5.82
C LYS B 156 -25.60 14.05 -6.25
N CYS B 157 -24.57 13.30 -6.61
CA CYS B 157 -24.74 11.94 -7.10
C CYS B 157 -24.34 10.90 -6.07
N THR B 158 -24.84 11.07 -4.85
CA THR B 158 -24.49 10.20 -3.74
C THR B 158 -25.43 9.00 -3.63
N GLN B 159 -26.66 9.29 -3.20
CA GLN B 159 -27.67 8.24 -3.14
C GLN B 159 -28.48 8.27 -4.43
N LEU B 160 -28.17 9.26 -5.28
CA LEU B 160 -28.63 9.23 -6.67
C LEU B 160 -27.93 8.09 -7.39
N VAL B 161 -27.36 7.18 -6.60
CA VAL B 161 -27.06 5.81 -7.00
C VAL B 161 -27.15 4.94 -5.74
N ARG B 162 -27.13 3.61 -5.90
CA ARG B 162 -27.26 2.69 -4.77
C ARG B 162 -25.98 2.63 -3.91
N ALA B 163 -25.76 3.64 -3.09
CA ALA B 163 -24.49 3.75 -2.41
C ALA B 163 -24.65 3.71 -0.90
N SER B 164 -24.07 2.69 -0.27
CA SER B 164 -24.03 2.64 1.18
C SER B 164 -23.41 3.93 1.72
N LYS B 165 -24.12 4.62 2.61
CA LYS B 165 -23.55 5.81 3.23
C LYS B 165 -22.15 5.46 3.74
N ASP B 166 -22.03 4.28 4.35
CA ASP B 166 -20.78 3.76 4.85
C ASP B 166 -19.65 3.98 3.85
N LEU B 167 -19.99 4.04 2.57
CA LEU B 167 -19.00 4.26 1.52
C LEU B 167 -19.48 5.28 0.51
N ALA B 168 -20.48 6.07 0.89
CA ALA B 168 -21.01 7.06 -0.02
C ALA B 168 -20.42 8.43 0.32
N GLN B 169 -19.85 8.52 1.53
CA GLN B 169 -19.24 9.76 2.01
C GLN B 169 -17.74 9.59 2.12
N THR B 170 -17.26 8.42 1.72
CA THR B 170 -15.85 8.16 1.54
C THR B 170 -15.41 8.91 0.29
N SER B 171 -16.36 9.56 -0.37
CA SER B 171 -16.04 10.36 -1.55
C SER B 171 -15.99 11.83 -1.16
N TYR B 172 -16.86 12.22 -0.23
CA TYR B 172 -16.85 13.56 0.32
C TYR B 172 -15.45 13.78 0.90
N PHE B 173 -15.12 12.98 1.88
CA PHE B 173 -13.78 12.99 2.49
C PHE B 173 -12.68 13.01 1.43
N MET B 174 -12.79 12.15 0.42
CA MET B 174 -11.74 12.03 -0.57
C MET B 174 -11.61 13.25 -1.47
N ALA B 175 -12.64 14.06 -1.53
CA ALA B 175 -12.53 15.29 -2.32
C ALA B 175 -11.50 16.21 -1.69
N THR B 176 -11.61 16.38 -0.39
CA THR B 176 -10.75 17.30 0.31
C THR B 176 -9.28 16.94 0.12
N ASN B 177 -8.97 15.93 -0.68
CA ASN B 177 -7.57 15.68 -0.94
C ASN B 177 -7.29 16.12 -2.33
N SER B 178 -8.33 16.16 -3.15
CA SER B 178 -8.23 16.92 -4.38
C SER B 178 -7.57 18.25 -4.07
N LEU B 179 -7.47 18.55 -2.77
CA LEU B 179 -6.95 19.85 -2.32
C LEU B 179 -5.62 19.72 -1.57
N HIS B 180 -5.65 19.07 -0.42
CA HIS B 180 -4.45 18.89 0.35
C HIS B 180 -3.32 18.42 -0.53
N LEU B 181 -3.41 17.20 -1.04
CA LEU B 181 -2.23 16.60 -1.65
C LEU B 181 -2.20 16.55 -3.18
N THR B 182 -3.12 17.22 -3.87
CA THR B 182 -3.04 17.23 -5.32
C THR B 182 -3.16 18.59 -5.93
N THR B 183 -2.46 18.75 -7.04
CA THR B 183 -2.51 19.97 -7.79
C THR B 183 -3.82 20.03 -8.54
N PHE B 184 -4.73 19.14 -8.21
CA PHE B 184 -5.93 18.96 -9.03
C PHE B 184 -6.75 20.21 -9.28
N SER B 185 -6.91 21.02 -8.23
CA SER B 185 -7.81 22.17 -8.21
C SER B 185 -7.43 23.29 -9.15
N LEU B 186 -6.23 23.20 -9.70
CA LEU B 186 -5.73 24.16 -10.67
C LEU B 186 -5.73 23.61 -12.11
N GLN B 187 -6.22 22.38 -12.29
CA GLN B 187 -6.10 21.66 -13.57
C GLN B 187 -7.44 21.36 -14.25
N TYR B 188 -8.34 20.72 -13.52
CA TYR B 188 -9.65 20.37 -14.06
C TYR B 188 -10.75 20.86 -13.13
N THR B 189 -11.95 21.05 -13.66
CA THR B 189 -13.02 21.74 -12.93
C THR B 189 -13.56 20.99 -11.72
N PRO B 190 -14.35 21.67 -10.87
CA PRO B 190 -14.90 20.96 -9.72
C PRO B 190 -15.61 19.69 -10.16
N PRO B 191 -16.51 19.75 -11.16
CA PRO B 191 -17.23 18.57 -11.62
C PRO B 191 -16.26 17.45 -11.98
N VAL B 192 -15.60 17.62 -13.11
CA VAL B 192 -14.62 16.64 -13.55
C VAL B 192 -13.82 16.12 -12.37
N VAL B 193 -13.52 16.99 -11.42
CA VAL B 193 -12.67 16.61 -10.30
C VAL B 193 -13.46 15.81 -9.27
N ALA B 194 -14.78 16.01 -9.27
CA ALA B 194 -15.63 15.29 -8.37
C ALA B 194 -15.76 13.88 -8.92
N CYS B 195 -15.83 13.78 -10.25
CA CYS B 195 -15.99 12.48 -10.90
C CYS B 195 -14.88 11.60 -10.38
N VAL B 196 -13.68 12.15 -10.22
CA VAL B 196 -12.53 11.35 -9.84
C VAL B 196 -12.57 10.94 -8.38
N CYS B 197 -12.93 11.87 -7.50
CA CYS B 197 -12.93 11.60 -6.08
C CYS B 197 -13.96 10.56 -5.68
N ILE B 198 -14.62 9.95 -6.66
CA ILE B 198 -15.62 8.92 -6.37
C ILE B 198 -15.35 7.62 -7.13
N HIS B 199 -14.95 7.75 -8.40
CA HIS B 199 -14.56 6.60 -9.21
C HIS B 199 -13.34 5.92 -8.56
N LEU B 200 -12.56 6.70 -7.82
CA LEU B 200 -11.47 6.18 -7.00
C LEU B 200 -11.98 5.74 -5.64
N ALA B 201 -12.89 6.53 -5.06
CA ALA B 201 -13.43 6.24 -3.72
C ALA B 201 -14.05 4.85 -3.62
N CYS B 202 -14.62 4.38 -4.73
CA CYS B 202 -15.30 3.10 -4.72
C CYS B 202 -14.58 2.07 -5.56
N LYS B 203 -13.26 2.21 -5.66
CA LYS B 203 -12.42 1.13 -6.12
C LYS B 203 -11.58 0.65 -4.94
N TRP B 204 -11.71 1.32 -3.79
CA TRP B 204 -11.16 0.76 -2.56
C TRP B 204 -12.27 0.08 -1.77
N SER B 205 -13.41 0.76 -1.65
CA SER B 205 -14.64 0.04 -1.44
C SER B 205 -14.77 -0.62 -2.78
N ASN B 206 -14.84 -1.94 -2.83
CA ASN B 206 -14.90 -2.56 -4.14
C ASN B 206 -16.31 -2.78 -4.63
N TRP B 207 -17.17 -1.80 -4.38
CA TRP B 207 -18.47 -1.80 -5.03
C TRP B 207 -18.30 -0.92 -6.24
N GLU B 208 -19.32 -0.86 -7.09
CA GLU B 208 -19.20 -0.07 -8.32
C GLU B 208 -20.53 0.49 -8.76
N ILE B 209 -20.49 1.29 -9.82
CA ILE B 209 -21.66 2.01 -10.30
C ILE B 209 -22.50 1.14 -11.22
N PRO B 210 -23.77 0.91 -10.84
CA PRO B 210 -24.68 0.41 -11.87
C PRO B 210 -24.82 1.48 -12.96
N VAL B 211 -24.75 1.05 -14.22
CA VAL B 211 -24.95 1.95 -15.35
C VAL B 211 -26.42 2.26 -15.51
N SER B 212 -26.74 3.49 -15.89
CA SER B 212 -28.14 3.88 -15.97
C SER B 212 -28.80 3.31 -17.22
N THR B 213 -30.03 2.87 -17.06
CA THR B 213 -30.65 2.00 -18.03
C THR B 213 -30.70 2.54 -19.47
N ASP B 214 -31.38 3.65 -19.70
CA ASP B 214 -31.65 4.06 -21.08
C ASP B 214 -30.56 4.87 -21.79
N GLY B 215 -29.39 4.25 -21.95
CA GLY B 215 -28.40 4.72 -22.90
C GLY B 215 -27.61 5.98 -22.58
N LYS B 216 -27.02 6.01 -21.40
CA LYS B 216 -26.09 7.08 -21.08
C LYS B 216 -25.53 6.67 -19.74
N HIS B 217 -24.28 7.02 -19.48
CA HIS B 217 -23.61 6.44 -18.34
C HIS B 217 -23.86 7.25 -17.07
N TRP B 218 -23.84 6.54 -15.94
CA TRP B 218 -24.19 7.12 -14.65
C TRP B 218 -23.13 8.09 -14.12
N TRP B 219 -22.22 8.51 -14.99
CA TRP B 219 -21.25 9.51 -14.62
C TRP B 219 -21.32 10.69 -15.58
N GLU B 220 -22.02 10.49 -16.70
CA GLU B 220 -22.20 11.52 -17.70
C GLU B 220 -23.30 12.49 -17.28
N TYR B 221 -23.83 12.29 -16.08
CA TYR B 221 -24.90 13.14 -15.57
C TYR B 221 -24.40 14.25 -14.62
N VAL B 222 -23.09 14.29 -14.37
CA VAL B 222 -22.51 15.34 -13.54
C VAL B 222 -21.57 16.25 -14.33
N ASP B 223 -21.14 15.75 -15.50
CA ASP B 223 -20.35 16.54 -16.42
C ASP B 223 -20.47 16.00 -17.84
N ALA B 224 -20.29 16.91 -18.80
CA ALA B 224 -20.58 16.63 -20.20
C ALA B 224 -19.45 15.93 -20.95
N THR B 225 -18.21 16.35 -20.74
CA THR B 225 -17.10 15.68 -21.40
C THR B 225 -16.33 14.89 -20.37
N VAL B 226 -16.47 13.57 -20.40
CA VAL B 226 -15.76 12.75 -19.42
C VAL B 226 -15.54 11.31 -19.87
N THR B 227 -14.28 10.89 -19.87
CA THR B 227 -13.91 9.54 -20.30
C THR B 227 -13.23 8.77 -19.17
N LEU B 228 -13.40 7.44 -19.19
CA LEU B 228 -12.71 6.56 -18.28
C LEU B 228 -11.24 6.58 -18.68
N GLU B 229 -10.99 6.81 -19.97
CA GLU B 229 -9.64 6.96 -20.48
C GLU B 229 -8.92 8.03 -19.65
N LEU B 230 -9.67 9.02 -19.20
CA LEU B 230 -9.08 10.04 -18.35
C LEU B 230 -9.17 9.62 -16.89
N LEU B 231 -10.39 9.42 -16.40
CA LEU B 231 -10.61 9.12 -14.98
C LEU B 231 -9.70 7.99 -14.49
N ASP B 232 -9.38 7.06 -15.38
CA ASP B 232 -8.42 6.02 -15.02
C ASP B 232 -7.03 6.63 -15.04
N GLU B 233 -6.77 7.48 -16.02
CA GLU B 233 -5.50 8.18 -16.09
C GLU B 233 -5.26 9.00 -14.83
N LEU B 234 -6.28 9.66 -14.33
CA LEU B 234 -6.10 10.57 -13.20
C LEU B 234 -5.97 9.83 -11.88
N THR B 235 -6.82 8.83 -11.65
CA THR B 235 -6.75 8.13 -10.39
C THR B 235 -5.41 7.44 -10.30
N HIS B 236 -4.75 7.34 -11.43
CA HIS B 236 -3.36 6.91 -11.47
C HIS B 236 -2.54 7.99 -10.78
N GLU B 237 -2.49 9.16 -11.38
CA GLU B 237 -1.79 10.26 -10.77
C GLU B 237 -2.15 10.35 -9.29
N PHE B 238 -3.42 10.51 -8.99
CA PHE B 238 -3.87 10.70 -7.61
C PHE B 238 -3.22 9.69 -6.65
N LEU B 239 -2.94 8.50 -7.13
CA LEU B 239 -2.52 7.45 -6.21
C LEU B 239 -1.01 7.34 -6.12
N GLN B 240 -0.35 7.44 -7.28
CA GLN B 240 1.10 7.43 -7.33
C GLN B 240 1.62 8.76 -6.80
N ILE B 241 0.66 9.63 -6.48
CA ILE B 241 0.90 10.89 -5.79
C ILE B 241 0.42 10.71 -4.35
N LEU B 242 -0.58 9.86 -4.17
CA LEU B 242 -1.03 9.50 -2.84
C LEU B 242 0.00 8.55 -2.21
N GLU B 243 0.89 8.02 -3.04
CA GLU B 243 1.92 7.12 -2.58
C GLU B 243 3.28 7.53 -3.14
N LYS B 244 3.32 8.67 -3.82
CA LYS B 244 4.59 9.35 -4.06
C LYS B 244 4.88 10.21 -2.83
N THR B 245 4.18 9.89 -1.74
CA THR B 245 4.52 10.36 -0.41
C THR B 245 5.21 9.21 0.35
N PRO B 246 6.55 9.26 0.55
CA PRO B 246 6.84 8.30 1.63
C PRO B 246 6.58 8.69 3.12
N ASN B 247 6.15 7.65 3.85
CA ASN B 247 6.16 7.56 5.32
C ASN B 247 5.33 8.60 6.02
N ARG B 248 4.70 9.46 5.23
CA ARG B 248 4.22 10.77 5.70
C ARG B 248 2.76 10.80 6.16
N LEU B 249 1.92 10.01 5.53
CA LEU B 249 0.57 9.99 6.00
C LEU B 249 0.61 9.49 7.45
N LYS B 250 -0.42 9.84 8.22
CA LYS B 250 -0.28 10.46 9.52
C LYS B 250 -0.14 11.86 8.87
N ARG B 251 -0.62 11.89 7.63
CA ARG B 251 -1.22 13.05 7.11
C ARG B 251 -2.49 13.12 7.93
N ILE B 252 -2.80 14.17 8.61
CA ILE B 252 -4.10 14.19 9.33
C ILE B 252 -4.47 12.90 10.15
N TRP B 253 -4.44 13.04 11.48
CA TRP B 253 -5.37 12.40 12.38
C TRP B 253 -6.65 13.25 12.02
N ASN B 254 -7.81 12.88 12.52
CA ASN B 254 -8.91 13.81 12.44
C ASN B 254 -8.55 15.27 12.37
N TRP B 255 -8.74 15.99 11.26
CA TRP B 255 -9.20 15.54 9.95
C TRP B 255 -9.09 14.05 9.68
N ARG B 256 -10.17 13.29 9.85
CA ARG B 256 -10.13 11.81 9.72
C ARG B 256 -11.41 11.14 9.11
N ALA B 257 -12.57 11.25 9.77
CA ALA B 257 -13.79 10.73 9.18
C ALA B 257 -14.99 11.67 9.37
N CYS B 258 -15.17 12.15 10.61
CA CYS B 258 -16.40 12.78 11.02
C CYS B 258 -16.16 14.22 11.48
N GLN B 259 -17.24 14.96 11.55
CA GLN B 259 -17.21 16.40 11.68
C GLN B 259 -17.70 16.93 13.04
N ALA B 260 -18.01 16.05 13.99
CA ALA B 260 -18.63 16.48 15.25
C ALA B 260 -18.20 15.64 16.46
N ILE C 1 9.21 -13.51 -8.38
CA ILE C 1 9.88 -14.42 -9.31
C ILE C 1 11.08 -15.20 -8.74
N ASP C 2 11.83 -14.60 -7.80
CA ASP C 2 13.25 -14.98 -7.61
C ASP C 2 13.80 -15.49 -6.28
N TYR C 3 13.80 -16.81 -6.20
CA TYR C 3 14.57 -17.61 -5.28
C TYR C 3 15.98 -17.41 -5.76
N LEU C 4 16.06 -16.96 -7.01
CA LEU C 4 17.31 -16.56 -7.60
C LEU C 4 17.51 -15.20 -7.08
N ASP C 5 18.08 -15.11 -5.90
CA ASP C 5 18.32 -13.80 -5.41
C ASP C 5 19.39 -13.19 -6.27
N ALA C 6 19.28 -11.92 -6.53
CA ALA C 6 20.48 -11.16 -6.57
C ALA C 6 20.78 -11.27 -5.08
N SER C 7 21.96 -11.76 -4.73
CA SER C 7 22.91 -12.16 -5.73
C SER C 7 23.70 -13.32 -5.19
N LEU C 8 23.61 -13.56 -3.90
CA LEU C 8 24.44 -14.60 -3.33
C LEU C 8 24.34 -15.88 -4.15
N ARG C 9 23.35 -15.98 -5.04
CA ARG C 9 23.31 -17.04 -6.07
C ARG C 9 23.47 -16.50 -7.48
N LYS C 10 22.92 -15.33 -7.71
CA LYS C 10 23.05 -14.65 -8.96
C LYS C 10 24.55 -14.44 -9.22
N LYS C 11 25.33 -14.57 -8.15
CA LYS C 11 26.75 -14.34 -8.14
C LYS C 11 27.47 -15.61 -8.59
N ASN C 12 27.18 -16.73 -7.93
CA ASN C 12 27.80 -17.97 -8.35
C ASN C 12 27.56 -18.24 -9.81
N LYS C 13 26.37 -17.94 -10.29
CA LYS C 13 26.10 -18.04 -11.72
C LYS C 13 27.17 -17.30 -12.51
N GLN C 14 27.79 -16.29 -11.89
CA GLN C 14 28.87 -15.52 -12.51
C GLN C 14 30.18 -16.24 -12.38
N ARG C 15 30.37 -16.90 -11.25
CA ARG C 15 31.59 -17.66 -10.98
C ARG C 15 31.61 -18.94 -11.76
N LEU C 16 30.45 -19.57 -11.89
CA LEU C 16 30.36 -20.81 -12.62
C LEU C 16 30.55 -20.44 -14.08
N LYS C 17 29.68 -19.57 -14.57
CA LYS C 17 29.68 -19.27 -15.98
C LYS C 17 30.99 -18.70 -16.42
N ALA C 18 31.91 -18.46 -15.48
CA ALA C 18 33.24 -17.94 -15.84
C ALA C 18 34.35 -18.85 -15.37
N ILE C 19 34.04 -20.12 -15.25
CA ILE C 19 35.07 -21.15 -15.33
C ILE C 19 34.83 -21.67 -16.72
N GLN C 20 34.14 -20.85 -17.51
CA GLN C 20 33.98 -21.17 -18.90
C GLN C 20 35.22 -20.66 -19.59
N GLN C 21 36.27 -21.23 -19.05
CA GLN C 21 37.58 -21.24 -19.60
C GLN C 21 38.21 -22.47 -18.98
N GLY C 22 37.50 -23.59 -19.08
CA GLY C 22 38.12 -24.87 -18.91
C GLY C 22 37.99 -25.54 -17.57
N ARG C 23 37.39 -24.86 -16.61
CA ARG C 23 37.05 -25.47 -15.33
C ARG C 23 35.54 -25.65 -15.38
N GLN C 24 35.00 -26.65 -14.68
CA GLN C 24 33.55 -26.80 -14.68
C GLN C 24 32.90 -26.95 -13.31
N PRO C 25 31.59 -26.67 -13.25
CA PRO C 25 30.71 -26.83 -12.10
C PRO C 25 30.93 -28.14 -11.35
N GLN C 26 31.35 -28.05 -10.10
CA GLN C 26 31.66 -29.23 -9.30
C GLN C 26 30.38 -29.92 -8.94
N TYR C 27 29.36 -29.10 -8.86
CA TYR C 27 28.19 -29.39 -8.07
C TYR C 27 26.92 -29.09 -8.82
N LEU C 28 26.99 -28.72 -10.08
CA LEU C 28 25.88 -27.94 -10.60
C LEU C 28 24.50 -28.52 -10.88
N LEU C 29 23.79 -28.65 -9.76
CA LEU C 29 22.51 -27.99 -9.56
C LEU C 29 22.88 -26.91 -8.53
N ILE D 1 0.05 15.41 10.12
CA ILE D 1 0.01 16.49 11.12
C ILE D 1 0.88 17.72 10.82
N ASP D 2 2.03 17.55 10.14
CA ASP D 2 3.14 18.50 10.28
C ASP D 2 3.76 19.27 9.10
N TYR D 3 3.24 20.48 8.96
CA TYR D 3 3.81 21.58 8.22
C TYR D 3 4.99 21.97 9.06
N LEU D 4 4.92 21.52 10.31
CA LEU D 4 6.00 21.68 11.25
C LEU D 4 6.90 20.57 10.87
N ASP D 5 7.72 20.80 9.86
CA ASP D 5 8.61 19.74 9.53
C ASP D 5 9.60 19.65 10.67
N ALA D 6 9.94 18.43 11.02
CA ALA D 6 11.28 18.21 11.45
C ALA D 6 11.88 18.49 10.09
N SER D 7 12.81 19.44 10.03
CA SER D 7 13.19 20.16 11.22
C SER D 7 13.53 21.55 10.84
N LEU D 8 13.60 21.82 9.55
CA LEU D 8 14.01 23.13 9.18
C LEU D 8 13.41 24.04 10.22
N ARG D 9 12.10 23.95 10.37
CA ARG D 9 11.38 24.80 11.30
C ARG D 9 11.42 24.26 12.73
N LYS D 10 11.41 22.95 12.85
CA LYS D 10 11.47 22.32 14.14
C LYS D 10 12.76 22.78 14.81
N LYS D 11 13.64 23.29 13.97
CA LYS D 11 14.98 23.68 14.34
C LYS D 11 14.94 25.10 14.87
N ASN D 12 14.41 26.02 14.08
CA ASN D 12 14.31 27.39 14.56
C ASN D 12 13.62 27.46 15.89
N LYS D 13 12.58 26.67 16.07
CA LYS D 13 11.92 26.59 17.36
C LYS D 13 12.96 26.35 18.45
N GLN D 14 14.08 25.71 18.08
CA GLN D 14 15.17 25.43 19.03
C GLN D 14 16.04 26.64 19.18
N ARG D 15 16.22 27.37 18.07
CA ARG D 15 17.01 28.58 18.08
C ARG D 15 16.29 29.72 18.75
N LEU D 16 14.99 29.81 18.52
CA LEU D 16 14.20 30.84 19.12
C LEU D 16 14.16 30.51 20.60
N LYS D 17 13.64 29.34 20.90
CA LYS D 17 13.39 28.99 22.28
C LYS D 17 14.66 29.03 23.10
N ALA D 18 15.80 29.25 22.45
CA ALA D 18 17.07 29.33 23.18
C ALA D 18 17.77 30.64 22.95
N ILE D 19 16.99 31.68 22.67
CA ILE D 19 17.42 33.04 22.93
C ILE D 19 16.63 33.34 24.17
N GLN D 20 16.18 32.27 24.81
CA GLN D 20 15.53 32.42 26.08
C GLN D 20 16.63 32.47 27.08
N GLN D 21 17.44 33.47 26.80
CA GLN D 21 18.43 34.00 27.68
C GLN D 21 18.62 35.41 27.13
N GLY D 22 17.51 36.10 26.97
CA GLY D 22 17.54 37.54 26.89
C GLY D 22 17.46 38.16 25.52
N ARG D 23 17.52 37.33 24.48
CA ARG D 23 17.32 37.80 23.12
C ARG D 23 15.92 37.31 22.76
N GLN D 24 15.21 38.01 21.89
CA GLN D 24 13.89 37.53 21.50
C GLN D 24 13.61 37.47 20.00
N PRO D 25 12.60 36.67 19.63
CA PRO D 25 12.09 36.49 18.28
C PRO D 25 11.94 37.80 17.52
N GLN D 26 12.68 37.95 16.43
CA GLN D 26 12.65 39.19 15.65
C GLN D 26 11.34 39.27 14.94
N TYR D 27 10.82 38.10 14.65
CA TYR D 27 9.90 37.91 13.57
C TYR D 27 8.73 37.05 13.96
N LEU D 28 8.61 36.69 15.23
CA LEU D 28 7.85 35.48 15.51
C LEU D 28 6.32 35.39 15.37
N LEU D 29 5.93 35.27 14.11
CA LEU D 29 5.16 34.14 13.64
C LEU D 29 6.22 33.37 12.82
MN MN G . -5.29 -5.79 -7.71
MN MN H . 25.02 17.77 -7.69
#